data_6R6A
#
_entry.id   6R6A
#
_cell.length_a   97.360
_cell.length_b   112.641
_cell.length_c   91.031
_cell.angle_alpha   90.000
_cell.angle_beta   90.000
_cell.angle_gamma   90.000
#
_symmetry.space_group_name_H-M   'C 2 2 21'
#
loop_
_entity.id
_entity.type
_entity.pdbx_description
1 polymer Endopeptidase
2 polymer Pepstatin
3 branched 2-acetamido-2-deoxy-beta-D-glucopyranose-(1-4)-2-acetamido-2-deoxy-beta-D-glucopyranose
4 non-polymer 'TRIETHYLENE GLYCOL'
5 non-polymer DI(HYDROXYETHYL)ETHER
6 non-polymer 'SULFATE ION'
7 non-polymer 'SODIUM ION'
8 non-polymer 'PENTAETHYLENE GLYCOL'
9 water water
#
loop_
_entity_poly.entity_id
_entity_poly.type
_entity_poly.pdbx_seq_one_letter_code
_entity_poly.pdbx_strand_id
1 'polypeptide(L)'
;ATGTVSLTDVGLDASYAGQVSIGTPAQDFLVIMDSGSSDLWVAGSTCTENFCKQTYTFDTSTSSSFITSSEAFNITYGSG
DADGTLGTDTVSMAGFTVSDQTFGVVTSTSANLISYPLSGLMGLAWKSIASSGATPFWQTLAASGDWDSPEMGVYLKRYR
GDNTASQIETDGGQILKGGLNTSLYNGSVNYISIDESEKDYWRIPLEAMVIQGNSVSIASSSGGSNPSCAIDTGTTLIGV
PSQTANRIYSQIAGAEALSASSGYEGYYQYPCDTEVTVSLQFGGMSYSISNADMNLGSFTRDTSMCTGAFFAMDMSSRSP
VQWIVGASFIKNVYTAFRYNPAAIGFAELV
;
A
2 'polypeptide(L)' (IVA)VV(STA)A(STA) D
#
loop_
_chem_comp.id
_chem_comp.type
_chem_comp.name
_chem_comp.formula
1PE non-polymer 'PENTAETHYLENE GLYCOL' 'C10 H22 O6'
IVA non-polymer 'ISOVALERIC ACID' 'C5 H10 O2'
NA non-polymer 'SODIUM ION' 'Na 1'
NAG D-saccharide, beta linking 2-acetamido-2-deoxy-beta-D-glucopyranose 'C8 H15 N O6'
PEG non-polymer DI(HYDROXYETHYL)ETHER 'C4 H10 O3'
PGE non-polymer 'TRIETHYLENE GLYCOL' 'C6 H14 O4'
SO4 non-polymer 'SULFATE ION' 'O4 S -2'
STA peptide-like STATINE 'C8 H17 N O3'
#
# COMPACT_ATOMS: atom_id res chain seq x y z
N ALA A 1 12.00 19.71 -10.27
CA ALA A 1 12.99 18.89 -9.50
C ALA A 1 12.52 17.46 -9.39
N THR A 2 13.41 16.59 -8.96
CA THR A 2 13.06 15.24 -8.54
C THR A 2 13.70 14.96 -7.18
N GLY A 3 13.20 13.93 -6.52
CA GLY A 3 13.75 13.49 -5.25
C GLY A 3 13.37 12.07 -4.95
N THR A 4 14.27 11.37 -4.26
CA THR A 4 14.11 9.95 -4.05
C THR A 4 13.82 9.67 -2.57
N VAL A 5 12.89 8.75 -2.32
CA VAL A 5 12.62 8.18 -0.98
C VAL A 5 13.13 6.73 -0.99
N SER A 6 14.13 6.46 -0.19
CA SER A 6 14.59 5.11 -0.01
C SER A 6 13.57 4.33 0.87
N LEU A 7 13.19 3.13 0.44
CA LEU A 7 12.23 2.31 1.18
C LEU A 7 12.89 1.23 2.05
N THR A 8 12.40 1.07 3.27
CA THR A 8 12.73 -0.08 4.13
C THR A 8 11.58 -1.05 3.99
N ASP A 9 11.92 -2.31 3.69
CA ASP A 9 10.95 -3.39 3.60
C ASP A 9 10.85 -4.09 4.99
N VAL A 10 9.67 -4.02 5.57
CA VAL A 10 9.37 -4.52 6.91
C VAL A 10 8.47 -5.76 6.82
N GLY A 11 8.78 -6.76 7.64
CA GLY A 11 7.93 -7.94 7.78
C GLY A 11 7.86 -8.90 6.61
N LEU A 12 8.94 -8.99 5.82
CA LEU A 12 9.00 -9.87 4.66
C LEU A 12 7.97 -9.46 3.62
N ASP A 13 8.13 -8.21 3.17
CA ASP A 13 7.28 -7.59 2.18
C ASP A 13 5.89 -7.24 2.74
N ALA A 14 5.77 -7.04 4.04
CA ALA A 14 4.50 -6.67 4.63
C ALA A 14 4.17 -5.19 4.38
N SER A 15 5.15 -4.34 4.60
CA SER A 15 5.02 -2.89 4.49
C SER A 15 6.35 -2.32 3.98
N TYR A 16 6.25 -1.21 3.24
CA TYR A 16 7.37 -0.48 2.71
C TYR A 16 7.30 0.95 3.22
N ALA A 17 8.38 1.38 3.88
CA ALA A 17 8.35 2.63 4.63
C ALA A 17 9.46 3.57 4.20
N GLY A 18 9.21 4.87 4.28
CA GLY A 18 10.22 5.87 3.99
C GLY A 18 10.35 6.92 5.08
N GLN A 19 11.38 7.73 4.98
CA GLN A 19 11.63 8.74 5.97
C GLN A 19 10.84 10.03 5.70
N VAL A 20 10.12 10.49 6.73
CA VAL A 20 9.50 11.81 6.75
C VAL A 20 10.13 12.61 7.89
N SER A 21 10.25 13.93 7.69
CA SER A 21 10.76 14.82 8.74
CA SER A 21 10.78 14.84 8.70
C SER A 21 9.69 15.86 9.05
N ILE A 22 9.38 16.02 10.34
CA ILE A 22 8.30 16.90 10.74
C ILE A 22 8.80 17.88 11.80
N GLY A 23 8.50 19.16 11.62
CA GLY A 23 8.77 20.13 12.67
C GLY A 23 10.07 20.88 12.59
N THR A 24 10.21 21.83 13.50
CA THR A 24 11.42 22.64 13.60
C THR A 24 11.94 22.59 15.06
N PRO A 25 13.14 22.04 15.30
CA PRO A 25 13.97 21.35 14.30
C PRO A 25 13.32 20.05 13.84
N ALA A 26 13.83 19.46 12.76
CA ALA A 26 13.22 18.26 12.19
C ALA A 26 13.18 17.09 13.18
N GLN A 27 12.03 16.44 13.29
CA GLN A 27 11.90 15.13 13.92
C GLN A 27 11.63 14.10 12.82
N ASP A 28 12.44 13.05 12.74
CA ASP A 28 12.39 12.07 11.67
C ASP A 28 11.67 10.79 12.07
N PHE A 29 10.90 10.24 11.13
CA PHE A 29 10.12 9.02 11.32
C PHE A 29 10.13 8.17 10.08
N LEU A 30 10.04 6.87 10.30
CA LEU A 30 9.81 5.89 9.25
CA LEU A 30 9.79 5.89 9.23
C LEU A 30 8.29 5.69 9.16
N VAL A 31 7.72 5.99 8.00
CA VAL A 31 6.28 5.90 7.81
C VAL A 31 5.96 5.05 6.59
N ILE A 32 4.91 4.24 6.70
CA ILE A 32 4.47 3.38 5.60
C ILE A 32 4.05 4.28 4.40
N MET A 33 4.60 3.99 3.23
CA MET A 33 4.26 4.69 2.01
C MET A 33 3.07 3.96 1.38
N ASP A 34 1.89 4.59 1.48
CA ASP A 34 0.60 3.96 1.26
C ASP A 34 -0.19 4.60 0.13
N SER A 35 -0.08 4.04 -1.08
CA SER A 35 -0.90 4.49 -2.19
C SER A 35 -2.40 4.17 -2.08
N GLY A 36 -2.84 3.49 -1.03
CA GLY A 36 -4.28 3.26 -0.76
C GLY A 36 -4.91 4.14 0.31
N SER A 37 -4.24 5.23 0.68
CA SER A 37 -4.81 6.24 1.58
C SER A 37 -4.16 7.58 1.32
N SER A 38 -4.68 8.61 1.98
CA SER A 38 -4.31 10.00 1.64
C SER A 38 -3.93 10.94 2.78
N ASP A 39 -3.89 10.43 4.00
CA ASP A 39 -3.53 11.20 5.19
C ASP A 39 -2.13 10.86 5.59
N LEU A 40 -1.40 11.87 6.07
CA LEU A 40 -0.15 11.69 6.82
C LEU A 40 -0.53 11.69 8.30
N TRP A 41 0.01 10.73 9.06
CA TRP A 41 -0.06 10.79 10.49
C TRP A 41 1.18 10.15 11.09
N VAL A 42 1.47 10.58 12.33
CA VAL A 42 2.54 10.05 13.15
CA VAL A 42 2.52 10.00 13.15
C VAL A 42 2.01 9.90 14.59
N ALA A 43 2.54 8.92 15.29
CA ALA A 43 2.27 8.69 16.72
C ALA A 43 2.85 9.88 17.47
N GLY A 44 2.02 10.48 18.32
CA GLY A 44 2.41 11.62 19.17
C GLY A 44 3.09 11.20 20.46
N SER A 45 3.96 12.07 21.00
CA SER A 45 4.73 11.71 22.20
C SER A 45 3.88 11.53 23.45
N THR A 46 2.65 12.05 23.46
CA THR A 46 1.74 11.82 24.62
C THR A 46 1.00 10.47 24.55
N CYS A 47 1.14 9.76 23.44
CA CYS A 47 0.42 8.51 23.22
C CYS A 47 0.87 7.50 24.27
N THR A 48 -0.10 6.90 24.98
CA THR A 48 0.26 5.94 26.02
C THR A 48 0.11 4.48 25.61
N GLU A 49 -0.22 4.21 24.35
CA GLU A 49 -0.25 2.81 23.90
C GLU A 49 1.12 2.21 23.87
N ASN A 50 1.16 0.89 24.00
CA ASN A 50 2.40 0.14 24.15
C ASN A 50 3.29 0.35 22.94
N PHE A 51 2.70 0.34 21.75
CA PHE A 51 3.54 0.47 20.54
C PHE A 51 4.23 1.84 20.55
N CYS A 52 3.53 2.84 21.08
CA CYS A 52 4.10 4.20 21.16
C CYS A 52 5.30 4.29 22.07
N LYS A 53 5.30 3.54 23.17
CA LYS A 53 6.45 3.46 24.09
C LYS A 53 7.65 2.80 23.45
N GLN A 54 7.45 1.99 22.41
CA GLN A 54 8.53 1.23 21.78
C GLN A 54 8.99 1.76 20.43
N THR A 55 8.46 2.90 19.98
CA THR A 55 8.91 3.49 18.72
C THR A 55 9.12 4.99 18.87
N TYR A 56 9.57 5.65 17.80
CA TYR A 56 9.78 7.08 17.80
C TYR A 56 8.44 7.77 17.67
N THR A 57 8.27 8.83 18.46
CA THR A 57 7.02 9.59 18.45
C THR A 57 7.32 11.05 18.24
N PHE A 58 6.31 11.76 17.74
CA PHE A 58 6.38 13.18 17.47
C PHE A 58 6.01 14.00 18.70
N ASP A 59 6.98 14.78 19.19
CA ASP A 59 6.79 15.67 20.32
C ASP A 59 6.37 17.04 19.80
N THR A 60 5.07 17.32 19.92
CA THR A 60 4.53 18.55 19.39
C THR A 60 5.10 19.79 20.12
N SER A 61 5.48 19.64 21.39
CA SER A 61 5.96 20.74 22.25
C SER A 61 7.33 21.23 21.89
N THR A 62 8.12 20.40 21.21
CA THR A 62 9.48 20.80 20.86
C THR A 62 9.63 21.21 19.40
N SER A 63 8.51 21.37 18.68
CA SER A 63 8.54 21.95 17.34
C SER A 63 8.07 23.39 17.45
N SER A 64 8.95 24.33 17.14
CA SER A 64 8.60 25.73 17.20
C SER A 64 7.55 26.13 16.12
N SER A 65 7.40 25.33 15.05
CA SER A 65 6.50 25.64 13.93
C SER A 65 5.17 24.91 14.03
N PHE A 66 4.95 24.11 15.09
CA PHE A 66 3.74 23.30 15.17
C PHE A 66 2.54 24.18 15.47
N ILE A 67 1.46 23.97 14.73
CA ILE A 67 0.20 24.68 14.96
C ILE A 67 -0.84 23.66 15.40
N THR A 68 -1.25 23.81 16.64
CA THR A 68 -2.14 22.86 17.26
C THR A 68 -3.53 23.04 16.75
N SER A 69 -4.32 22.01 16.95
CA SER A 69 -5.73 22.09 16.64
C SER A 69 -6.46 21.20 17.65
N SER A 70 -7.67 21.59 17.99
CA SER A 70 -8.55 20.71 18.75
C SER A 70 -9.31 19.77 17.83
N GLU A 71 -9.17 19.90 16.51
CA GLU A 71 -9.99 19.09 15.60
C GLU A 71 -9.60 17.60 15.67
N ALA A 72 -10.60 16.74 15.87
CA ALA A 72 -10.38 15.30 15.92
C ALA A 72 -9.84 14.78 14.61
N PHE A 73 -8.99 13.77 14.71
CA PHE A 73 -8.53 13.01 13.57
C PHE A 73 -8.88 11.54 13.83
N ASN A 74 -9.46 10.92 12.82
CA ASN A 74 -9.67 9.49 12.86
C ASN A 74 -9.80 8.90 11.49
N ILE A 75 -9.16 7.78 11.31
CA ILE A 75 -9.11 7.12 10.02
C ILE A 75 -9.28 5.64 10.24
N THR A 76 -9.97 4.98 9.30
CA THR A 76 -10.22 3.55 9.35
C THR A 76 -9.57 2.92 8.12
N TYR A 77 -8.72 1.94 8.38
CA TYR A 77 -8.06 1.12 7.39
C TYR A 77 -8.61 -0.30 7.47
N GLY A 78 -8.33 -1.11 6.46
CA GLY A 78 -8.63 -2.54 6.53
C GLY A 78 -8.05 -3.23 7.77
N SER A 79 -6.86 -2.82 8.20
CA SER A 79 -6.19 -3.46 9.33
C SER A 79 -6.48 -2.86 10.71
N GLY A 80 -7.27 -1.79 10.77
CA GLY A 80 -7.56 -1.11 12.02
C GLY A 80 -7.72 0.39 11.84
N ASP A 81 -7.81 1.08 12.96
CA ASP A 81 -8.06 2.51 12.96
CA ASP A 81 -8.13 2.50 13.08
C ASP A 81 -6.97 3.23 13.76
N ALA A 82 -6.88 4.53 13.52
CA ALA A 82 -5.92 5.41 14.18
C ALA A 82 -6.66 6.70 14.48
N ASP A 83 -6.49 7.21 15.71
CA ASP A 83 -7.22 8.38 16.21
C ASP A 83 -6.26 9.34 16.89
N GLY A 84 -6.62 10.60 16.86
CA GLY A 84 -5.88 11.62 17.59
C GLY A 84 -6.45 12.95 17.24
N THR A 85 -5.60 13.94 16.99
CA THR A 85 -6.06 15.26 16.59
C THR A 85 -5.22 15.73 15.39
N LEU A 86 -5.73 16.69 14.66
CA LEU A 86 -4.98 17.30 13.58
C LEU A 86 -3.97 18.29 14.12
N GLY A 87 -2.86 18.42 13.39
CA GLY A 87 -1.96 19.53 13.57
C GLY A 87 -1.43 19.96 12.23
N THR A 88 -0.72 21.07 12.24
CA THR A 88 -0.11 21.60 11.05
C THR A 88 1.34 21.94 11.38
N ASP A 89 2.24 21.60 10.46
CA ASP A 89 3.66 21.84 10.68
C ASP A 89 4.36 21.71 9.34
N THR A 90 5.63 22.08 9.32
CA THR A 90 6.48 21.89 8.15
C THR A 90 6.89 20.43 8.04
N VAL A 91 6.81 19.90 6.82
CA VAL A 91 7.07 18.47 6.58
C VAL A 91 7.98 18.36 5.37
N SER A 92 8.99 17.49 5.45
CA SER A 92 9.89 17.25 4.35
C SER A 92 10.01 15.76 4.07
N MET A 93 10.27 15.47 2.81
CA MET A 93 10.51 14.14 2.35
C MET A 93 11.12 14.25 0.94
N ALA A 94 12.14 13.44 0.71
CA ALA A 94 12.79 13.35 -0.60
C ALA A 94 13.39 14.68 -1.03
N GLY A 95 13.79 15.50 -0.05
CA GLY A 95 14.36 16.81 -0.34
C GLY A 95 13.37 17.92 -0.64
N PHE A 96 12.07 17.63 -0.55
CA PHE A 96 11.00 18.62 -0.74
C PHE A 96 10.40 18.99 0.61
N THR A 97 9.76 20.14 0.67
CA THR A 97 9.09 20.60 1.88
C THR A 97 7.71 21.15 1.57
N VAL A 98 6.73 20.82 2.42
CA VAL A 98 5.46 21.54 2.47
C VAL A 98 5.43 22.19 3.85
N SER A 99 5.39 23.52 3.85
CA SER A 99 5.53 24.39 5.04
C SER A 99 4.44 24.31 6.05
N ASP A 100 3.21 24.12 5.55
CA ASP A 100 2.03 24.10 6.43
CA ASP A 100 1.99 24.17 6.30
C ASP A 100 1.19 22.88 6.06
N GLN A 101 1.81 21.72 6.27
CA GLN A 101 1.17 20.44 6.01
C GLN A 101 0.30 20.10 7.19
N THR A 102 -0.98 19.86 6.94
CA THR A 102 -1.87 19.31 7.95
C THR A 102 -1.78 17.78 7.95
N PHE A 103 -1.74 17.21 9.15
CA PHE A 103 -1.55 15.78 9.37
C PHE A 103 -2.13 15.38 10.72
N GLY A 104 -2.23 14.08 10.95
CA GLY A 104 -2.74 13.56 12.22
C GLY A 104 -1.64 13.34 13.23
N VAL A 105 -1.88 13.80 14.47
CA VAL A 105 -1.03 13.43 15.62
C VAL A 105 -1.83 12.35 16.38
N VAL A 106 -1.38 11.12 16.24
CA VAL A 106 -2.13 9.93 16.65
C VAL A 106 -1.74 9.52 18.07
N THR A 107 -2.78 9.28 18.88
CA THR A 107 -2.57 8.84 20.26
C THR A 107 -3.35 7.55 20.64
N SER A 108 -4.09 6.96 19.71
CA SER A 108 -4.59 5.59 19.88
C SER A 108 -4.75 4.92 18.53
N THR A 109 -4.57 3.61 18.52
CA THR A 109 -4.83 2.79 17.34
C THR A 109 -5.47 1.50 17.82
N SER A 110 -6.07 0.76 16.91
CA SER A 110 -6.35 -0.66 17.20
C SER A 110 -5.04 -1.44 17.28
N ALA A 111 -5.13 -2.58 17.96
CA ALA A 111 -3.97 -3.35 18.34
C ALA A 111 -3.20 -3.73 17.09
N ASN A 112 -1.88 -3.60 17.15
CA ASN A 112 -0.97 -4.06 16.10
C ASN A 112 -1.12 -3.37 14.75
N LEU A 113 -1.61 -2.12 14.71
CA LEU A 113 -1.68 -1.41 13.43
C LEU A 113 -0.26 -1.15 12.88
N ILE A 114 0.60 -0.57 13.70
CA ILE A 114 2.01 -0.42 13.38
C ILE A 114 2.85 -0.70 14.63
N SER A 115 4.14 -0.92 14.41
CA SER A 115 5.11 -1.01 15.49
C SER A 115 6.47 -0.64 14.97
N TYR A 116 7.40 -0.50 15.93
CA TYR A 116 8.81 -0.31 15.68
C TYR A 116 9.25 -1.15 14.48
N PRO A 117 10.00 -0.60 13.52
CA PRO A 117 10.59 0.75 13.54
C PRO A 117 9.69 1.86 12.91
N LEU A 118 8.43 1.55 12.68
CA LEU A 118 7.48 2.51 12.08
C LEU A 118 6.86 3.41 13.13
N SER A 119 6.49 4.63 12.71
CA SER A 119 5.84 5.60 13.59
C SER A 119 4.56 6.20 13.02
N GLY A 120 4.18 5.77 11.83
CA GLY A 120 3.00 6.31 11.18
C GLY A 120 2.93 5.92 9.70
N LEU A 121 2.23 6.73 8.93
CA LEU A 121 1.87 6.43 7.59
C LEU A 121 1.82 7.72 6.76
N MET A 122 2.30 7.64 5.52
CA MET A 122 2.09 8.70 4.54
CA MET A 122 2.15 8.70 4.52
C MET A 122 1.23 8.20 3.39
N GLY A 123 0.02 8.75 3.31
CA GLY A 123 -0.88 8.46 2.21
C GLY A 123 -0.38 9.10 0.93
N LEU A 124 -0.42 8.31 -0.15
CA LEU A 124 0.03 8.75 -1.45
C LEU A 124 -1.11 8.87 -2.46
N ALA A 125 -2.35 8.69 -2.01
CA ALA A 125 -3.52 8.79 -2.94
C ALA A 125 -4.11 10.20 -2.89
N TRP A 126 -5.31 10.38 -3.45
CA TRP A 126 -5.81 11.70 -3.78
C TRP A 126 -6.57 12.31 -2.63
N LYS A 127 -6.65 13.64 -2.68
CA LYS A 127 -7.23 14.43 -1.62
C LYS A 127 -8.64 14.02 -1.24
N SER A 128 -9.44 13.54 -2.20
CA SER A 128 -10.84 13.26 -1.94
CA SER A 128 -10.84 13.23 -1.93
C SER A 128 -11.09 12.16 -0.92
N ILE A 129 -10.09 11.32 -0.64
CA ILE A 129 -10.26 10.32 0.42
C ILE A 129 -9.40 10.61 1.66
N ALA A 130 -8.88 11.82 1.78
CA ALA A 130 -8.16 12.25 2.97
C ALA A 130 -9.19 12.46 4.08
N SER A 131 -9.09 11.72 5.17
CA SER A 131 -9.94 11.91 6.34
C SER A 131 -9.76 13.29 6.93
N SER A 132 -8.56 13.80 6.88
CA SER A 132 -8.26 15.12 7.41
C SER A 132 -8.84 16.27 6.60
N GLY A 133 -9.26 16.00 5.34
CA GLY A 133 -9.57 17.05 4.38
C GLY A 133 -8.35 17.83 3.88
N ALA A 134 -7.14 17.47 4.29
CA ALA A 134 -5.97 18.21 3.84
C ALA A 134 -5.45 17.67 2.51
N THR A 135 -4.92 18.54 1.67
CA THR A 135 -4.23 18.13 0.46
C THR A 135 -3.02 17.26 0.87
N PRO A 136 -2.91 16.05 0.28
CA PRO A 136 -1.72 15.21 0.56
C PRO A 136 -0.44 15.90 0.16
N PHE A 137 0.62 15.68 0.97
CA PHE A 137 1.96 16.18 0.66
C PHE A 137 2.33 16.01 -0.83
N TRP A 138 2.26 14.77 -1.34
CA TRP A 138 2.66 14.50 -2.74
C TRP A 138 1.85 15.38 -3.73
N GLN A 139 0.57 15.56 -3.43
CA GLN A 139 -0.36 16.23 -4.35
C GLN A 139 -0.09 17.72 -4.39
N THR A 140 0.28 18.31 -3.25
CA THR A 140 0.79 19.69 -3.25
C THR A 140 2.02 19.87 -4.16
N LEU A 141 2.98 18.96 -4.07
CA LEU A 141 4.19 19.04 -4.85
C LEU A 141 3.85 18.90 -6.34
N ALA A 142 3.03 17.91 -6.67
CA ALA A 142 2.67 17.68 -8.07
C ALA A 142 1.94 18.87 -8.66
N ALA A 143 0.98 19.43 -7.92
CA ALA A 143 0.18 20.59 -8.33
C ALA A 143 0.97 21.89 -8.45
N SER A 144 2.07 22.02 -7.71
CA SER A 144 2.74 23.29 -7.66
CA SER A 144 2.88 23.23 -7.61
C SER A 144 3.72 23.49 -8.84
N GLY A 145 3.93 22.47 -9.65
CA GLY A 145 4.88 22.55 -10.73
C GLY A 145 6.30 22.30 -10.25
N ASP A 146 6.46 21.81 -9.02
CA ASP A 146 7.78 21.52 -8.46
C ASP A 146 8.50 20.29 -9.09
N TRP A 147 7.77 19.43 -9.79
CA TRP A 147 8.33 18.19 -10.30
C TRP A 147 8.71 18.28 -11.78
N ASP A 148 9.82 17.65 -12.16
CA ASP A 148 10.27 17.61 -13.55
C ASP A 148 9.19 16.99 -14.41
N SER A 149 8.61 15.89 -13.92
CA SER A 149 7.51 15.22 -14.57
C SER A 149 6.44 14.95 -13.49
N PRO A 150 5.15 15.18 -13.80
CA PRO A 150 4.10 15.06 -12.76
C PRO A 150 3.68 13.58 -12.49
N GLU A 151 4.63 12.80 -11.96
CA GLU A 151 4.42 11.42 -11.62
C GLU A 151 5.43 10.94 -10.55
N MET A 152 5.09 9.82 -9.93
CA MET A 152 5.93 9.15 -8.94
C MET A 152 6.23 7.77 -9.47
N GLY A 153 7.49 7.33 -9.36
CA GLY A 153 7.92 6.02 -9.82
C GLY A 153 8.20 5.12 -8.64
N VAL A 154 7.66 3.89 -8.67
CA VAL A 154 7.74 2.99 -7.49
C VAL A 154 8.33 1.62 -7.81
N TYR A 155 9.38 1.28 -7.04
CA TYR A 155 10.02 -0.02 -7.05
C TYR A 155 9.99 -0.58 -5.62
N LEU A 156 9.32 -1.72 -5.45
CA LEU A 156 9.26 -2.42 -4.17
C LEU A 156 10.11 -3.66 -4.31
N LYS A 157 11.12 -3.78 -3.47
CA LYS A 157 12.03 -4.90 -3.50
C LYS A 157 11.39 -6.12 -2.83
N ARG A 158 11.70 -7.31 -3.32
CA ARG A 158 11.15 -8.55 -2.82
C ARG A 158 12.13 -9.28 -1.91
N TYR A 159 11.69 -9.62 -0.71
CA TYR A 159 12.40 -10.52 0.19
C TYR A 159 11.64 -11.81 0.41
N ARG A 160 10.36 -11.89 0.04
CA ARG A 160 9.62 -13.14 0.20
C ARG A 160 10.29 -14.19 -0.71
N GLY A 161 10.54 -15.36 -0.13
CA GLY A 161 11.31 -16.40 -0.84
C GLY A 161 12.80 -16.38 -0.58
N ASP A 162 13.32 -15.34 0.08
CA ASP A 162 14.68 -15.34 0.61
C ASP A 162 14.64 -15.88 2.05
N ASN A 163 15.06 -17.14 2.22
CA ASN A 163 15.10 -17.78 3.56
C ASN A 163 16.09 -17.17 4.59
N THR A 164 17.08 -16.39 4.14
CA THR A 164 17.94 -15.60 5.05
C THR A 164 17.52 -14.11 5.26
N ALA A 165 16.30 -13.75 4.85
CA ALA A 165 15.85 -12.35 4.93
C ALA A 165 15.55 -11.99 6.39
N SER A 166 15.76 -10.71 6.71
CA SER A 166 15.48 -10.14 8.02
C SER A 166 14.13 -9.44 8.03
N GLN A 167 13.61 -9.19 9.24
CA GLN A 167 12.33 -8.52 9.42
C GLN A 167 12.37 -7.02 9.11
N ILE A 168 13.58 -6.45 9.08
CA ILE A 168 13.81 -5.10 8.67
C ILE A 168 14.89 -5.13 7.59
N GLU A 169 14.51 -4.85 6.34
CA GLU A 169 15.47 -4.74 5.26
C GLU A 169 15.52 -3.30 4.77
N THR A 170 16.58 -2.59 5.11
CA THR A 170 16.74 -1.19 4.71
C THR A 170 16.96 -1.00 3.22
N ASP A 171 17.41 -2.05 2.53
CA ASP A 171 17.48 -2.02 1.07
C ASP A 171 16.14 -2.58 0.54
N GLY A 172 15.12 -1.74 0.50
CA GLY A 172 13.75 -2.20 0.32
C GLY A 172 13.04 -1.71 -0.91
N GLY A 173 13.74 -0.94 -1.73
CA GLY A 173 13.17 -0.26 -2.89
C GLY A 173 13.26 1.25 -2.85
N GLN A 174 12.50 1.89 -3.73
CA GLN A 174 12.63 3.32 -3.98
C GLN A 174 11.33 3.89 -4.53
N ILE A 175 11.01 5.11 -4.13
CA ILE A 175 9.98 5.94 -4.76
C ILE A 175 10.68 7.17 -5.30
N LEU A 176 10.54 7.44 -6.59
CA LEU A 176 11.08 8.66 -7.17
C LEU A 176 9.92 9.64 -7.35
N LYS A 177 10.01 10.77 -6.65
CA LYS A 177 9.06 11.86 -6.80
C LYS A 177 9.48 12.77 -7.96
N GLY A 178 8.60 12.88 -8.96
CA GLY A 178 8.84 13.77 -10.09
C GLY A 178 9.50 13.16 -11.30
N GLY A 179 9.50 11.83 -11.36
CA GLY A 179 9.93 11.12 -12.53
C GLY A 179 9.89 9.62 -12.31
N LEU A 180 10.40 8.91 -13.30
CA LEU A 180 10.58 7.48 -13.26
C LEU A 180 12.04 7.14 -13.38
N ASN A 181 12.45 6.09 -12.68
CA ASN A 181 13.84 5.71 -12.64
C ASN A 181 14.16 4.71 -13.75
N THR A 182 14.81 5.21 -14.81
CA THR A 182 15.09 4.37 -16.01
C THR A 182 16.09 3.24 -15.76
N SER A 183 16.89 3.31 -14.71
CA SER A 183 17.72 2.17 -14.31
C SER A 183 16.92 1.04 -13.69
N LEU A 184 15.66 1.28 -13.28
CA LEU A 184 14.88 0.24 -12.60
C LEU A 184 13.86 -0.44 -13.47
N TYR A 185 13.59 0.07 -14.67
CA TYR A 185 12.66 -0.60 -15.57
C TYR A 185 13.22 -0.67 -16.99
N ASN A 186 12.64 -1.55 -17.79
CA ASN A 186 13.07 -1.87 -19.16
C ASN A 186 11.87 -1.66 -20.09
N GLY A 187 12.08 -1.08 -21.26
CA GLY A 187 11.05 -0.99 -22.28
C GLY A 187 10.11 0.15 -21.95
N SER A 188 8.91 0.11 -22.48
CA SER A 188 8.02 1.25 -22.41
C SER A 188 7.06 1.09 -21.23
N VAL A 189 6.55 2.22 -20.75
CA VAL A 189 5.58 2.23 -19.68
C VAL A 189 4.19 2.16 -20.32
N ASN A 190 3.37 1.23 -19.84
CA ASN A 190 2.00 1.06 -20.31
C ASN A 190 1.06 1.80 -19.37
N TYR A 191 0.49 2.90 -19.84
CA TYR A 191 -0.33 3.75 -18.97
C TYR A 191 -1.79 3.43 -19.13
N ILE A 192 -2.46 3.24 -18.00
CA ILE A 192 -3.90 3.02 -17.95
C ILE A 192 -4.48 4.33 -17.40
N SER A 193 -5.30 4.97 -18.25
CA SER A 193 -5.86 6.26 -17.96
CA SER A 193 -5.89 6.26 -18.00
C SER A 193 -6.90 6.20 -16.85
N ILE A 194 -6.89 7.25 -16.03
CA ILE A 194 -7.79 7.41 -14.92
C ILE A 194 -8.56 8.68 -15.23
N ASP A 195 -9.89 8.59 -15.23
CA ASP A 195 -10.71 9.76 -15.60
C ASP A 195 -10.96 10.63 -14.37
N GLU A 196 -11.57 11.79 -14.57
CA GLU A 196 -11.69 12.78 -13.51
C GLU A 196 -12.63 12.36 -12.38
N SER A 197 -13.47 11.36 -12.60
CA SER A 197 -14.33 10.79 -11.51
C SER A 197 -13.67 9.74 -10.64
N GLU A 198 -12.44 9.35 -11.00
CA GLU A 198 -11.75 8.22 -10.35
C GLU A 198 -10.54 8.64 -9.49
N LYS A 199 -10.44 9.93 -9.21
CA LYS A 199 -9.31 10.48 -8.47
C LYS A 199 -9.61 10.44 -7.00
N ASP A 200 -9.48 9.26 -6.42
CA ASP A 200 -9.77 9.05 -5.01
C ASP A 200 -8.66 8.12 -4.49
N TYR A 201 -8.91 6.83 -4.49
CA TYR A 201 -7.81 5.86 -4.50
C TYR A 201 -7.04 6.05 -5.78
N TRP A 202 -5.86 5.44 -5.85
CA TRP A 202 -5.23 5.16 -7.14
C TRP A 202 -5.80 3.83 -7.63
N ARG A 203 -6.68 3.88 -8.62
CA ARG A 203 -7.41 2.69 -9.05
C ARG A 203 -7.61 2.64 -10.56
N ILE A 204 -7.62 1.40 -11.05
CA ILE A 204 -7.82 1.08 -12.47
C ILE A 204 -8.63 -0.22 -12.64
N PRO A 205 -9.21 -0.43 -13.82
CA PRO A 205 -9.98 -1.64 -14.02
C PRO A 205 -9.11 -2.87 -14.26
N LEU A 206 -9.49 -3.98 -13.67
CA LEU A 206 -8.93 -5.28 -14.05
C LEU A 206 -9.63 -5.78 -15.31
N GLU A 207 -8.84 -6.07 -16.34
CA GLU A 207 -9.43 -6.58 -17.59
C GLU A 207 -9.67 -8.09 -17.59
N ALA A 208 -8.75 -8.85 -16.98
CA ALA A 208 -8.85 -10.32 -16.88
C ALA A 208 -7.84 -10.82 -15.87
N MET A 209 -8.03 -12.06 -15.45
CA MET A 209 -7.05 -12.78 -14.63
CA MET A 209 -7.09 -12.78 -14.61
C MET A 209 -6.99 -14.19 -15.15
N VAL A 210 -5.77 -14.73 -15.20
CA VAL A 210 -5.53 -16.08 -15.67
C VAL A 210 -4.75 -16.81 -14.55
N ILE A 211 -5.26 -17.96 -14.17
CA ILE A 211 -4.60 -18.75 -13.13
C ILE A 211 -4.61 -20.21 -13.54
N GLN A 212 -3.45 -20.84 -13.52
CA GLN A 212 -3.26 -22.20 -14.07
C GLN A 212 -3.79 -22.36 -15.51
N GLY A 213 -3.68 -21.26 -16.29
CA GLY A 213 -4.14 -21.25 -17.69
C GLY A 213 -5.61 -20.94 -17.89
N ASN A 214 -6.37 -20.84 -16.80
CA ASN A 214 -7.81 -20.55 -16.88
C ASN A 214 -8.12 -19.08 -16.60
N SER A 215 -8.88 -18.47 -17.50
CA SER A 215 -9.37 -17.12 -17.31
C SER A 215 -10.50 -17.16 -16.28
N VAL A 216 -10.39 -16.37 -15.23
CA VAL A 216 -11.35 -16.40 -14.12
C VAL A 216 -12.44 -15.39 -14.38
N SER A 217 -13.67 -15.74 -14.02
CA SER A 217 -14.77 -14.79 -14.09
CA SER A 217 -14.78 -14.80 -14.08
C SER A 217 -14.57 -13.75 -12.98
N ILE A 218 -14.16 -12.55 -13.37
CA ILE A 218 -13.97 -11.43 -12.43
C ILE A 218 -15.18 -10.49 -12.31
N ALA A 219 -16.24 -10.72 -13.10
CA ALA A 219 -17.67 -10.28 -12.75
C ALA A 219 -17.99 -10.14 -11.28
N SER A 225 -19.29 -6.31 -16.27
CA SER A 225 -19.12 -5.75 -14.92
C SER A 225 -17.73 -5.92 -14.20
N ASN A 226 -16.63 -5.28 -14.66
CA ASN A 226 -15.22 -5.52 -14.17
C ASN A 226 -14.81 -4.73 -12.93
N PRO A 227 -13.97 -5.30 -12.03
CA PRO A 227 -13.73 -4.58 -10.78
C PRO A 227 -12.77 -3.41 -10.96
N SER A 228 -12.99 -2.35 -10.21
CA SER A 228 -12.03 -1.28 -10.06
C SER A 228 -11.07 -1.69 -8.92
N CYS A 229 -9.77 -1.61 -9.19
CA CYS A 229 -8.73 -2.13 -8.30
C CYS A 229 -7.86 -1.01 -7.75
N ALA A 230 -7.84 -0.87 -6.42
CA ALA A 230 -6.87 0.01 -5.77
C ALA A 230 -5.46 -0.61 -5.93
N ILE A 231 -4.58 0.11 -6.59
CA ILE A 231 -3.19 -0.30 -6.71
C ILE A 231 -2.47 0.30 -5.51
N ASP A 232 -2.23 -0.55 -4.51
CA ASP A 232 -2.07 -0.14 -3.12
C ASP A 232 -0.73 -0.64 -2.55
N THR A 233 0.25 0.23 -2.51
CA THR A 233 1.55 -0.12 -1.93
C THR A 233 1.49 -0.46 -0.44
N GLY A 234 0.48 0.02 0.28
CA GLY A 234 0.31 -0.30 1.68
C GLY A 234 -0.51 -1.52 2.04
N THR A 235 -0.88 -2.33 1.06
CA THR A 235 -1.51 -3.61 1.34
C THR A 235 -0.52 -4.69 0.98
N THR A 236 -0.42 -5.67 1.84
CA THR A 236 0.58 -6.74 1.68
C THR A 236 0.22 -7.65 0.52
N LEU A 237 -1.03 -8.10 0.53
CA LEU A 237 -1.53 -9.14 -0.36
C LEU A 237 -2.51 -8.60 -1.41
N ILE A 238 -3.41 -9.43 -1.90
CA ILE A 238 -4.40 -9.04 -2.93
C ILE A 238 -5.76 -9.43 -2.44
N GLY A 239 -6.55 -8.43 -2.07
CA GLY A 239 -7.92 -8.63 -1.56
C GLY A 239 -8.97 -8.55 -2.64
N VAL A 240 -9.85 -9.56 -2.72
CA VAL A 240 -10.84 -9.69 -3.77
C VAL A 240 -12.18 -10.11 -3.13
N PRO A 241 -13.30 -9.92 -3.84
CA PRO A 241 -14.58 -10.39 -3.29
C PRO A 241 -14.59 -11.90 -3.05
N SER A 242 -15.27 -12.33 -1.98
CA SER A 242 -15.41 -13.75 -1.64
C SER A 242 -15.69 -14.68 -2.80
N GLN A 243 -16.72 -14.33 -3.58
CA GLN A 243 -17.11 -15.14 -4.75
CA GLN A 243 -17.11 -15.14 -4.75
C GLN A 243 -15.97 -15.25 -5.75
N THR A 244 -15.24 -14.17 -5.93
CA THR A 244 -14.08 -14.16 -6.80
C THR A 244 -12.94 -15.01 -6.24
N ALA A 245 -12.65 -14.88 -4.95
CA ALA A 245 -11.62 -15.73 -4.32
C ALA A 245 -11.94 -17.22 -4.47
N ASN A 246 -13.20 -17.59 -4.26
CA ASN A 246 -13.62 -18.99 -4.48
C ASN A 246 -13.33 -19.47 -5.90
N ARG A 247 -13.68 -18.65 -6.88
CA ARG A 247 -13.39 -18.96 -8.27
C ARG A 247 -11.91 -19.07 -8.58
N ILE A 248 -11.13 -18.17 -8.00
CA ILE A 248 -9.67 -18.22 -8.19
C ILE A 248 -9.12 -19.57 -7.71
N TYR A 249 -9.45 -19.91 -6.48
CA TYR A 249 -8.85 -21.11 -5.87
C TYR A 249 -9.42 -22.43 -6.44
N SER A 250 -10.63 -22.36 -7.02
CA SER A 250 -11.19 -23.46 -7.79
C SER A 250 -10.31 -23.86 -8.97
N GLN A 251 -9.46 -22.96 -9.47
CA GLN A 251 -8.54 -23.30 -10.57
C GLN A 251 -7.23 -24.01 -10.14
N ILE A 252 -6.98 -24.11 -8.85
CA ILE A 252 -5.77 -24.76 -8.34
C ILE A 252 -6.19 -26.09 -7.77
N ALA A 253 -5.65 -27.18 -8.31
CA ALA A 253 -6.02 -28.53 -7.84
C ALA A 253 -5.64 -28.68 -6.35
N GLY A 254 -6.60 -29.12 -5.56
CA GLY A 254 -6.43 -29.34 -4.14
C GLY A 254 -6.60 -28.11 -3.25
N ALA A 255 -6.95 -26.94 -3.80
CA ALA A 255 -7.10 -25.74 -2.98
C ALA A 255 -8.36 -25.84 -2.12
N GLU A 256 -8.31 -25.17 -0.98
CA GLU A 256 -9.44 -25.09 -0.07
C GLU A 256 -9.36 -23.79 0.74
N ALA A 257 -10.53 -23.32 1.14
CA ALA A 257 -10.69 -22.23 2.07
C ALA A 257 -10.20 -22.67 3.43
N LEU A 258 -9.40 -21.86 4.11
CA LEU A 258 -9.14 -22.07 5.53
C LEU A 258 -10.43 -21.85 6.35
N SER A 259 -10.60 -22.72 7.35
N SER A 259 -10.68 -22.70 7.35
CA SER A 259 -11.91 -22.99 8.02
CA SER A 259 -11.87 -22.53 8.22
C SER A 259 -12.63 -21.83 8.72
C SER A 259 -11.74 -21.33 9.11
N ALA A 260 -11.88 -21.00 9.43
N ALA A 260 -12.88 -20.79 9.54
CA ALA A 260 -12.50 -20.00 10.32
CA ALA A 260 -12.90 -19.76 10.57
C ALA A 260 -12.18 -20.31 11.78
C ALA A 260 -12.24 -20.28 11.84
N SER A 261 -12.44 -21.56 12.17
CA SER A 261 -11.79 -22.21 13.38
C SER A 261 -10.27 -22.06 13.39
N SER A 262 -9.66 -22.09 12.19
CA SER A 262 -8.20 -21.94 12.07
C SER A 262 -7.71 -20.58 12.54
N GLY A 263 -8.59 -19.59 12.53
CA GLY A 263 -8.22 -18.21 12.77
C GLY A 263 -7.90 -17.50 11.45
N TYR A 264 -7.99 -18.20 10.31
CA TYR A 264 -7.61 -17.62 9.01
C TYR A 264 -8.76 -17.56 7.98
N GLU A 265 -9.96 -17.28 8.46
CA GLU A 265 -11.09 -17.08 7.56
C GLU A 265 -10.75 -15.96 6.55
N GLY A 266 -11.09 -16.20 5.30
CA GLY A 266 -10.72 -15.32 4.19
C GLY A 266 -9.46 -15.78 3.45
N TYR A 267 -8.62 -16.60 4.08
CA TYR A 267 -7.45 -17.14 3.41
C TYR A 267 -7.74 -18.52 2.81
N TYR A 268 -6.91 -18.91 1.85
CA TYR A 268 -7.08 -20.18 1.10
C TYR A 268 -5.72 -20.82 0.98
N GLN A 269 -5.71 -22.16 0.99
CA GLN A 269 -4.46 -22.88 0.93
C GLN A 269 -4.55 -23.95 -0.14
N TYR A 270 -3.38 -24.37 -0.63
CA TYR A 270 -3.31 -25.30 -1.76
C TYR A 270 -1.98 -26.10 -1.64
N PRO A 271 -1.77 -27.16 -2.45
CA PRO A 271 -0.54 -27.95 -2.29
C PRO A 271 0.74 -27.14 -2.47
N CYS A 272 1.58 -27.16 -1.44
CA CYS A 272 2.83 -26.39 -1.47
C CYS A 272 3.70 -26.65 -2.68
N ASP A 273 3.66 -27.88 -3.21
CA ASP A 273 4.51 -28.24 -4.35
C ASP A 273 3.88 -27.87 -5.69
N THR A 274 2.69 -27.27 -5.71
CA THR A 274 2.17 -26.68 -6.94
C THR A 274 2.73 -25.25 -7.12
N GLU A 275 3.49 -25.04 -8.19
CA GLU A 275 3.87 -23.71 -8.63
C GLU A 275 2.66 -23.13 -9.36
N VAL A 276 2.21 -21.96 -8.95
CA VAL A 276 0.98 -21.37 -9.51
C VAL A 276 1.45 -20.38 -10.55
N THR A 277 0.88 -20.46 -11.75
CA THR A 277 1.14 -19.49 -12.80
CA THR A 277 1.11 -19.46 -12.78
C THR A 277 -0.09 -18.57 -12.77
N VAL A 278 0.14 -17.27 -12.59
CA VAL A 278 -0.97 -16.33 -12.46
C VAL A 278 -0.58 -14.97 -12.99
N SER A 279 -1.51 -14.36 -13.69
CA SER A 279 -1.32 -13.01 -14.19
C SER A 279 -2.60 -12.21 -14.16
N LEU A 280 -2.43 -10.89 -14.02
CA LEU A 280 -3.50 -9.92 -14.09
C LEU A 280 -3.31 -9.09 -15.35
N GLN A 281 -4.41 -8.81 -16.04
CA GLN A 281 -4.37 -8.04 -17.26
C GLN A 281 -4.86 -6.64 -17.01
N PHE A 282 -3.95 -5.67 -17.20
CA PHE A 282 -4.23 -4.26 -17.08
C PHE A 282 -3.79 -3.58 -18.37
N GLY A 283 -4.65 -2.71 -18.91
CA GLY A 283 -4.30 -1.89 -20.09
C GLY A 283 -3.82 -2.68 -21.29
N GLY A 284 -4.43 -3.83 -21.52
CA GLY A 284 -4.12 -4.67 -22.66
C GLY A 284 -2.88 -5.53 -22.55
N MET A 285 -2.30 -5.67 -21.36
CA MET A 285 -1.09 -6.47 -21.16
CA MET A 285 -1.07 -6.45 -21.15
C MET A 285 -1.24 -7.34 -19.92
N SER A 286 -0.64 -8.54 -19.98
CA SER A 286 -0.65 -9.47 -18.87
C SER A 286 0.58 -9.23 -18.02
N TYR A 287 0.40 -9.21 -16.71
CA TYR A 287 1.47 -8.97 -15.75
C TYR A 287 1.50 -10.15 -14.81
N SER A 288 2.57 -10.94 -14.91
CA SER A 288 2.73 -12.15 -14.10
C SER A 288 3.09 -11.82 -12.68
N ILE A 289 2.63 -12.69 -11.76
CA ILE A 289 2.95 -12.65 -10.33
C ILE A 289 3.81 -13.87 -10.04
N SER A 290 5.01 -13.65 -9.50
CA SER A 290 5.95 -14.73 -9.29
C SER A 290 5.46 -15.64 -8.17
N ASN A 291 5.93 -16.88 -8.23
CA ASN A 291 5.57 -17.88 -7.26
C ASN A 291 6.04 -17.52 -5.85
N ALA A 292 7.15 -16.82 -5.76
CA ALA A 292 7.66 -16.32 -4.48
C ALA A 292 6.69 -15.32 -3.84
N ASP A 293 5.91 -14.59 -4.65
CA ASP A 293 4.88 -13.68 -4.11
C ASP A 293 3.61 -14.39 -3.77
N MET A 294 3.23 -15.35 -4.61
CA MET A 294 1.95 -16.04 -4.49
C MET A 294 1.91 -16.98 -3.29
N ASN A 295 3.01 -17.71 -3.08
CA ASN A 295 3.08 -18.72 -2.04
C ASN A 295 3.57 -18.11 -0.76
N LEU A 296 2.70 -18.08 0.26
CA LEU A 296 3.02 -17.44 1.52
C LEU A 296 3.50 -18.45 2.57
N GLY A 297 3.55 -19.74 2.21
CA GLY A 297 3.98 -20.75 3.16
C GLY A 297 2.81 -21.27 3.95
N SER A 298 3.11 -22.21 4.84
CA SER A 298 2.08 -22.92 5.59
C SER A 298 1.61 -22.08 6.76
N PHE A 299 0.30 -21.96 6.93
CA PHE A 299 -0.26 -21.19 8.06
C PHE A 299 -0.67 -22.14 9.20
N THR A 300 -0.73 -23.44 8.92
CA THR A 300 -1.17 -24.46 9.88
C THR A 300 -0.09 -25.52 10.00
N ARG A 301 -0.34 -26.50 10.89
CA ARG A 301 0.56 -27.65 11.09
C ARG A 301 0.63 -28.57 9.84
N ASP A 302 -0.39 -28.49 8.97
CA ASP A 302 -0.35 -29.21 7.69
C ASP A 302 0.63 -28.51 6.72
N THR A 303 1.83 -29.06 6.74
CA THR A 303 2.96 -28.52 6.06
C THR A 303 2.95 -28.84 4.56
N SER A 304 2.00 -29.66 4.14
CA SER A 304 1.82 -29.95 2.72
C SER A 304 0.98 -28.88 2.01
N MET A 305 0.39 -27.96 2.79
CA MET A 305 -0.50 -26.91 2.26
CA MET A 305 -0.50 -26.91 2.25
C MET A 305 0.08 -25.52 2.54
N CYS A 306 -0.05 -24.64 1.56
CA CYS A 306 0.52 -23.30 1.59
C CYS A 306 -0.55 -22.27 1.27
N THR A 307 -0.51 -21.11 1.95
CA THR A 307 -1.53 -20.06 1.72
C THR A 307 -1.17 -19.21 0.47
N GLY A 308 -2.20 -18.89 -0.32
CA GLY A 308 -2.07 -18.00 -1.48
C GLY A 308 -2.21 -16.50 -1.14
N ALA A 309 -1.66 -15.68 -2.02
CA ALA A 309 -1.64 -14.24 -1.84
C ALA A 309 -3.00 -13.57 -2.09
N PHE A 310 -3.91 -14.23 -2.82
CA PHE A 310 -5.29 -13.75 -3.00
C PHE A 310 -6.13 -14.14 -1.79
N PHE A 311 -6.80 -13.17 -1.15
CA PHE A 311 -7.65 -13.46 0.00
C PHE A 311 -9.00 -12.77 -0.21
N ALA A 312 -10.02 -13.30 0.45
CA ALA A 312 -11.37 -12.80 0.39
C ALA A 312 -11.53 -11.60 1.33
N MET A 313 -12.02 -10.51 0.77
CA MET A 313 -12.37 -9.36 1.55
C MET A 313 -13.57 -8.74 0.88
N ASP A 314 -14.72 -8.88 1.50
CA ASP A 314 -15.90 -8.22 0.97
C ASP A 314 -15.90 -6.74 1.35
N MET A 315 -16.14 -5.92 0.35
CA MET A 315 -16.03 -4.48 0.43
C MET A 315 -17.40 -3.94 0.74
N SER A 316 -17.47 -2.89 1.56
CA SER A 316 -18.68 -2.07 1.63
C SER A 316 -19.20 -1.75 0.22
N SER A 317 -20.53 -1.79 0.04
CA SER A 317 -21.12 -1.36 -1.22
C SER A 317 -20.98 0.17 -1.40
N ARG A 318 -20.51 0.86 -0.35
CA ARG A 318 -20.10 2.28 -0.50
C ARG A 318 -18.67 2.44 -1.07
N SER A 319 -17.93 1.35 -1.25
CA SER A 319 -16.56 1.46 -1.76
C SER A 319 -16.53 1.53 -3.28
N PRO A 320 -15.76 2.45 -3.88
CA PRO A 320 -15.59 2.44 -5.32
C PRO A 320 -14.60 1.39 -5.82
N VAL A 321 -13.95 0.66 -4.91
CA VAL A 321 -13.05 -0.43 -5.30
C VAL A 321 -13.57 -1.78 -4.84
N GLN A 322 -13.40 -2.78 -5.68
CA GLN A 322 -13.79 -4.14 -5.36
C GLN A 322 -12.57 -5.03 -5.14
N TRP A 323 -11.39 -4.64 -5.67
CA TRP A 323 -10.14 -5.34 -5.36
C TRP A 323 -9.18 -4.37 -4.71
N ILE A 324 -8.33 -4.89 -3.82
CA ILE A 324 -7.14 -4.17 -3.34
C ILE A 324 -5.91 -4.97 -3.78
N VAL A 325 -5.16 -4.40 -4.70
CA VAL A 325 -4.01 -5.06 -5.34
C VAL A 325 -2.77 -4.48 -4.69
N GLY A 326 -2.19 -5.26 -3.78
CA GLY A 326 -1.07 -4.83 -2.96
C GLY A 326 0.28 -5.27 -3.48
N ALA A 327 1.24 -5.21 -2.57
CA ALA A 327 2.64 -5.49 -2.84
C ALA A 327 2.92 -6.84 -3.52
N SER A 328 2.13 -7.87 -3.20
CA SER A 328 2.23 -9.20 -3.83
C SER A 328 2.23 -9.07 -5.35
N PHE A 329 1.39 -8.15 -5.87
CA PHE A 329 1.40 -7.81 -7.28
C PHE A 329 2.49 -6.80 -7.68
N ILE A 330 2.55 -5.68 -6.94
CA ILE A 330 3.36 -4.54 -7.29
C ILE A 330 4.89 -4.87 -7.35
N LYS A 331 5.37 -5.82 -6.52
CA LYS A 331 6.74 -6.33 -6.58
C LYS A 331 7.18 -6.82 -7.97
N ASN A 332 6.21 -7.24 -8.81
CA ASN A 332 6.49 -7.76 -10.16
C ASN A 332 6.56 -6.71 -11.28
N VAL A 333 6.31 -5.44 -10.96
CA VAL A 333 6.30 -4.37 -11.97
C VAL A 333 6.95 -3.10 -11.42
N TYR A 334 7.49 -2.28 -12.30
CA TYR A 334 7.75 -0.89 -11.94
C TYR A 334 6.47 -0.11 -12.20
N THR A 335 6.08 0.74 -11.25
CA THR A 335 4.78 1.37 -11.24
C THR A 335 4.90 2.89 -11.26
N ALA A 336 4.16 3.50 -12.17
CA ALA A 336 4.12 4.95 -12.28
C ALA A 336 2.74 5.40 -11.85
N PHE A 337 2.69 6.28 -10.85
CA PHE A 337 1.46 6.95 -10.46
C PHE A 337 1.55 8.34 -11.03
N ARG A 338 0.76 8.61 -12.07
CA ARG A 338 0.84 9.86 -12.81
C ARG A 338 -0.32 10.80 -12.45
N TYR A 339 0.05 12.00 -12.00
CA TYR A 339 -0.87 13.05 -11.65
C TYR A 339 -1.66 13.64 -12.82
N ASN A 340 -0.97 13.85 -13.95
CA ASN A 340 -1.55 14.56 -15.08
C ASN A 340 -0.79 14.20 -16.36
N PRO A 341 -1.47 13.64 -17.38
CA PRO A 341 -2.87 13.15 -17.26
C PRO A 341 -2.92 11.95 -16.33
N ALA A 342 -3.95 11.93 -15.48
CA ALA A 342 -4.03 10.95 -14.40
C ALA A 342 -4.02 9.54 -14.99
N ALA A 343 -3.14 8.70 -14.46
CA ALA A 343 -2.95 7.36 -14.97
C ALA A 343 -2.11 6.56 -13.99
N ILE A 344 -2.24 5.25 -14.07
CA ILE A 344 -1.27 4.32 -13.51
C ILE A 344 -0.55 3.65 -14.67
N GLY A 345 0.77 3.61 -14.61
CA GLY A 345 1.57 2.90 -15.61
C GLY A 345 2.34 1.75 -15.00
N PHE A 346 2.53 0.70 -15.78
CA PHE A 346 3.37 -0.42 -15.42
C PHE A 346 4.45 -0.62 -16.46
N ALA A 347 5.64 -0.99 -16.00
CA ALA A 347 6.73 -1.38 -16.85
C ALA A 347 7.39 -2.62 -16.27
N GLU A 348 7.99 -3.41 -17.14
CA GLU A 348 8.84 -4.52 -16.74
C GLU A 348 10.02 -3.99 -15.92
N LEU A 349 10.34 -4.70 -14.83
CA LEU A 349 11.52 -4.41 -14.02
C LEU A 349 12.83 -4.72 -14.76
N VAL A 350 13.88 -3.94 -14.53
CA VAL A 350 15.17 -4.12 -15.25
C VAL A 350 15.86 -5.38 -14.72
CA IVA B 1 -1.41 -9.32 5.90
CB IVA B 1 -0.12 -9.96 6.40
CG1 IVA B 1 0.06 -9.85 7.89
CG2 IVA B 1 0.02 -11.42 5.96
C IVA B 1 -1.58 -7.89 6.46
O IVA B 1 -2.18 -7.95 7.58
N VAL B 2 -1.08 -6.71 5.98
CA VAL B 2 -1.81 -5.47 6.38
C VAL B 2 -2.64 -4.95 5.18
N VAL B 3 -3.69 -4.18 5.48
CA VAL B 3 -4.55 -3.60 4.46
C VAL B 3 -4.74 -2.13 4.82
N STA B 4 -4.12 -1.23 4.10
CA STA B 4 -4.03 0.19 4.40
CB STA B 4 -2.67 0.55 4.95
CG STA B 4 -2.20 -0.24 6.17
CD1 STA B 4 -0.72 0.02 6.39
CD2 STA B 4 -3.02 0.10 7.42
CH STA B 4 -4.37 1.00 3.15
OH STA B 4 -3.46 0.73 2.05
CM STA B 4 -5.76 0.76 2.61
C STA B 4 -6.84 1.42 3.46
O STA B 4 -7.44 0.66 4.31
N ALA B 5 -7.15 2.66 3.28
CA ALA B 5 -8.24 3.37 3.98
C ALA B 5 -9.61 2.79 3.50
N STA B 6 -10.44 2.41 4.41
N STA B 6 -10.69 2.43 4.08
CA STA B 6 -11.53 1.65 5.02
CA STA B 6 -11.88 1.60 3.97
CB STA B 6 -12.85 2.24 4.56
CB STA B 6 -11.55 0.19 4.42
CG STA B 6 -12.81 3.72 4.92
CG STA B 6 -11.35 -0.83 3.29
CD1 STA B 6 -12.90 4.52 3.62
CD1 STA B 6 -10.76 -0.21 2.02
CD2 STA B 6 -13.90 4.12 5.92
CD2 STA B 6 -10.47 -1.97 3.74
CH STA B 6 -11.33 0.17 4.71
CH STA B 6 -12.93 2.18 4.90
OH STA B 6 -11.90 -0.64 5.75
OH STA B 6 -12.55 1.91 6.24
CM STA B 6 -11.96 -0.16 3.38
CM STA B 6 -13.09 3.69 4.75
C STA B 6 -10.92 -0.76 2.46
C STA B 6 -14.38 4.11 5.44
O STA B 6 -10.21 -1.71 2.88
O STA B 6 -14.83 3.39 6.37
OXT STA B 6 -10.79 -0.29 1.31
OXT STA B 6 -14.96 5.14 5.03
C1 NAG C . 17.65 5.16 -9.59
C2 NAG C . 18.29 6.26 -8.77
C3 NAG C . 19.77 5.96 -8.48
C4 NAG C . 20.01 4.51 -8.06
C5 NAG C . 19.38 3.56 -9.07
C6 NAG C . 19.50 2.10 -8.67
C7 NAG C . 17.28 8.51 -9.03
C8 NAG C . 17.28 9.79 -9.82
N2 NAG C . 18.13 7.55 -9.42
O3 NAG C . 20.19 6.84 -7.44
O4 NAG C . 21.42 4.20 -8.00
O5 NAG C . 17.99 3.84 -9.25
O6 NAG C . 19.02 1.91 -7.32
O7 NAG C . 16.54 8.38 -8.07
C1 NAG C . 22.05 4.41 -6.71
C2 NAG C . 23.31 3.54 -6.75
C3 NAG C . 24.31 3.91 -5.66
C4 NAG C . 24.60 5.41 -5.72
C5 NAG C . 23.29 6.15 -5.46
C6 NAG C . 23.54 7.66 -5.45
C7 NAG C . 23.16 1.23 -7.65
C8 NAG C . 22.75 -0.20 -7.38
N2 NAG C . 22.97 2.12 -6.66
O3 NAG C . 25.51 3.15 -5.87
O4 NAG C . 25.62 5.78 -4.78
O5 NAG C . 22.32 5.82 -6.47
O6 NAG C . 22.32 8.38 -5.54
O7 NAG C . 23.60 1.54 -8.73
C1 PGE D . 14.24 6.89 9.60
O1 PGE D . 14.98 7.11 8.40
C2 PGE D . 14.65 7.77 10.77
O2 PGE D . 14.00 7.34 11.97
C3 PGE D . 14.58 6.19 12.60
C4 PGE D . 13.64 4.97 12.64
O4 PGE D . 15.39 1.36 11.02
C6 PGE D . 15.84 1.93 12.28
C5 PGE D . 14.83 2.87 12.95
O3 PGE D . 14.27 3.82 12.04
C1 PEG E . -4.62 16.83 -13.15
O1 PEG E . -5.36 15.65 -13.47
C2 PEG E . -5.45 17.76 -12.31
O2 PEG E . -5.60 17.09 -11.06
C3 PEG E . -6.37 17.84 -10.15
C4 PEG E . -6.76 16.92 -9.02
O4 PEG E . -8.11 17.13 -8.62
C1 PEG F . -12.51 -27.04 -5.37
O1 PEG F . -12.92 -27.11 -6.74
C2 PEG F . -12.02 -25.63 -5.12
O2 PEG F . -12.14 -25.24 -3.76
C3 PEG F . -11.67 -23.93 -3.49
C4 PEG F . -12.82 -22.93 -3.60
O4 PEG F . -13.50 -22.77 -2.35
C1 PEG G . 15.88 18.88 -12.08
O1 PEG G . 16.37 20.03 -11.37
C2 PEG G . 16.64 17.61 -11.72
O2 PEG G . 16.21 17.12 -10.45
C3 PEG G . 16.93 17.60 -9.32
C4 PEG G . 17.95 16.57 -8.83
O4 PEG G . 18.15 16.60 -7.40
S SO4 H . 0.60 8.12 -22.46
O1 SO4 H . 1.83 8.36 -21.68
O2 SO4 H . 0.75 6.85 -23.23
O3 SO4 H . -0.59 7.97 -21.60
O4 SO4 H . 0.39 9.29 -23.34
S SO4 I . -0.17 -2.22 20.36
O1 SO4 I . -1.11 -3.26 20.83
O2 SO4 I . 1.16 -2.85 20.28
O3 SO4 I . -0.05 -1.10 21.32
O4 SO4 I . -0.64 -1.82 19.01
S SO4 J . -9.56 -0.41 -19.50
O1 SO4 J . -8.57 0.12 -18.59
O2 SO4 J . -9.67 -1.83 -19.33
O3 SO4 J . -10.92 0.02 -19.25
O4 SO4 J . -9.13 -0.05 -20.84
S SO4 K . -27.17 5.26 1.96
O1 SO4 K . -26.77 4.04 1.25
O2 SO4 K . -27.29 4.95 3.40
O3 SO4 K . -28.48 5.67 1.43
O4 SO4 K . -26.18 6.36 1.79
S SO4 L . -16.23 -23.21 11.58
O1 SO4 L . -16.53 -23.54 13.01
O2 SO4 L . -14.76 -23.11 11.42
O3 SO4 L . -16.89 -21.95 11.16
O4 SO4 L . -16.72 -24.28 10.69
S SO4 M . -4.98 22.05 2.42
O1 SO4 M . -3.90 22.78 1.68
O2 SO4 M . -4.38 20.93 3.19
O3 SO4 M . -6.00 21.54 1.46
O4 SO4 M . -5.69 22.94 3.36
NA NA N . 16.84 10.30 13.39
OH2 1PE O . 21.22 10.23 12.12
C12 1PE O . 20.73 10.99 13.23
C22 1PE O . 20.01 12.22 12.67
OH3 1PE O . 19.08 11.80 11.67
C13 1PE O . 17.69 13.87 11.65
C23 1PE O . 18.49 12.81 10.87
OH4 1PE O . 17.07 13.33 12.82
C14 1PE O . 15.70 13.60 14.77
C24 1PE O . 16.11 14.21 13.42
OH5 1PE O . 14.64 12.63 14.65
C15 1PE O . 13.45 10.82 15.89
C25 1PE O . 14.45 11.97 15.92
OH6 1PE O . 12.14 11.34 15.80
OH2 1PE P . -23.28 -0.22 -10.09
C12 1PE P . -21.86 -0.13 -9.92
C22 1PE P . -21.57 0.04 -8.43
OH3 1PE P . -20.26 0.56 -8.20
C13 1PE P . -19.67 2.13 -6.54
C23 1PE P . -20.02 0.69 -6.81
OH4 1PE P . -20.37 2.70 -5.45
C14 1PE P . -19.74 4.95 -4.86
C24 1PE P . -19.52 3.47 -4.62
OH5 1PE P . -18.54 5.68 -4.66
C15 1PE P . -17.03 7.09 -5.94
C25 1PE P . -18.48 6.77 -5.59
OH6 1PE P . -16.25 7.08 -4.75
C16 1PE P . -15.35 8.76 -3.16
C26 1PE P . -15.45 8.25 -4.60
OH7 1PE P . -14.84 10.11 -3.21
#